data_2A72
#
_entry.id   2A72
#
_cell.length_a   28.915
_cell.length_b   106.033
_cell.length_c   52.490
_cell.angle_alpha   90.00
_cell.angle_beta   103.71
_cell.angle_gamma   90.00
#
_symmetry.space_group_name_H-M   'P 1 21 1'
#
loop_
_entity.id
_entity.type
_entity.pdbx_description
1 polymer 'Regulator of G-protein signalling 7'
2 non-polymer 'CHLORIDE ION'
3 water water
#
_entity_poly.entity_id   1
_entity_poly.type   'polypeptide(L)'
_entity_poly.pdbx_seq_one_letter_code
;SMKEPSQQRVKRWGFGMDEALKDPVGREQFLKFLESEFSSENLRFWLAVEDLKKRPIKEVPSRVQEIWQEFLAPGAPSAI
NLDSKSYDKTTHNVKEPGRYTFEDAQEHIYKLMKSDSYPRFIRSSAYQELLQAKKKSGNSMDRRTS
;
_entity_poly.pdbx_strand_id   A,B
#
loop_
_chem_comp.id
_chem_comp.type
_chem_comp.name
_chem_comp.formula
CL non-polymer 'CHLORIDE ION' 'Cl -1'
#
# COMPACT_ATOMS: atom_id res chain seq x y z
N SER A 1 -6.40 17.30 40.41
CA SER A 1 -5.77 18.08 39.29
C SER A 1 -4.36 17.54 38.98
N MET A 2 -3.95 17.65 37.71
CA MET A 2 -2.61 17.22 37.26
C MET A 2 -1.50 18.01 37.96
N LYS A 3 -0.37 17.36 38.20
CA LYS A 3 0.79 18.06 38.74
C LYS A 3 1.62 18.54 37.55
N GLU A 4 2.57 19.44 37.80
CA GLU A 4 3.46 19.86 36.73
C GLU A 4 4.33 18.66 36.37
N PRO A 5 4.56 18.44 35.08
CA PRO A 5 5.51 17.43 34.62
C PRO A 5 6.86 17.64 35.28
N SER A 6 7.44 16.58 35.83
CA SER A 6 8.79 16.69 36.41
C SER A 6 9.83 17.02 35.34
N GLN A 7 10.99 17.52 35.76
CA GLN A 7 12.08 17.75 34.82
C GLN A 7 12.48 16.44 34.08
N GLN A 8 12.50 15.32 34.79
CA GLN A 8 12.79 14.00 34.21
C GLN A 8 11.82 13.61 33.07
N ARG A 9 10.56 13.89 33.28
CA ARG A 9 9.54 13.61 32.29
C ARG A 9 9.73 14.46 31.02
N VAL A 10 9.94 15.76 31.21
CA VAL A 10 10.15 16.67 30.10
C VAL A 10 11.42 16.30 29.29
N LYS A 11 12.49 15.99 30.01
CA LYS A 11 13.71 15.49 29.40
C LYS A 11 13.46 14.26 28.53
N ARG A 12 12.65 13.35 29.03
CA ARG A 12 12.38 12.11 28.29
C ARG A 12 11.83 12.35 26.88
N TRP A 13 11.03 13.40 26.71
CA TRP A 13 10.46 13.71 25.39
C TRP A 13 11.57 14.01 24.35
N GLY A 14 12.75 14.35 24.84
CA GLY A 14 13.95 14.58 24.00
C GLY A 14 14.72 13.37 23.54
N PHE A 15 14.29 12.16 23.93
CA PHE A 15 14.95 10.94 23.50
C PHE A 15 14.31 10.31 22.27
N GLY A 16 13.49 11.07 21.57
CA GLY A 16 12.86 10.58 20.35
C GLY A 16 11.43 11.02 20.23
N MET A 17 11.00 11.21 19.00
CA MET A 17 9.66 11.65 18.76
C MET A 17 8.64 10.68 19.33
N ASP A 18 8.96 9.39 19.30
CA ASP A 18 8.07 8.38 19.84
C ASP A 18 7.80 8.60 21.33
N GLU A 19 8.83 9.03 22.06
CA GLU A 19 8.75 9.37 23.49
C GLU A 19 7.83 10.52 23.77
N ALA A 20 7.89 11.53 22.91
CA ALA A 20 7.07 12.70 23.05
C ALA A 20 5.62 12.34 22.75
N LEU A 21 5.43 11.47 21.77
CA LEU A 21 4.08 11.13 21.31
C LEU A 21 3.33 10.20 22.25
N LYS A 22 4.02 9.28 22.92
CA LYS A 22 3.39 8.32 23.80
C LYS A 22 3.04 8.93 25.17
N ASP A 23 3.68 10.05 25.53
CA ASP A 23 3.30 10.79 26.74
C ASP A 23 2.18 11.77 26.34
N PRO A 24 0.98 11.62 26.92
CA PRO A 24 -0.15 12.46 26.46
C PRO A 24 0.06 13.96 26.76
N VAL A 25 0.86 14.29 27.78
CA VAL A 25 1.25 15.68 28.04
C VAL A 25 2.32 16.14 27.04
N GLY A 26 3.26 15.25 26.70
CA GLY A 26 4.23 15.50 25.63
C GLY A 26 3.57 15.73 24.28
N ARG A 27 2.60 14.87 23.96
CA ARG A 27 1.81 15.02 22.72
C ARG A 27 1.07 16.37 22.68
N GLU A 28 0.45 16.73 23.78
CA GLU A 28 -0.26 18.01 23.92
C GLU A 28 0.66 19.22 23.70
N GLN A 29 1.81 19.17 24.35
CA GLN A 29 2.77 20.27 24.23
C GLN A 29 3.33 20.40 22.82
N PHE A 30 3.62 19.27 22.18
CA PHE A 30 4.16 19.19 20.82
C PHE A 30 3.14 19.83 19.87
N LEU A 31 1.88 19.41 19.98
CA LEU A 31 0.81 19.96 19.18
C LEU A 31 0.62 21.45 19.43
N LYS A 32 0.62 21.87 20.70
CA LYS A 32 0.43 23.28 21.07
C LYS A 32 1.51 24.13 20.39
N PHE A 33 2.75 23.64 20.46
CA PHE A 33 3.88 24.32 19.83
C PHE A 33 3.66 24.50 18.34
N LEU A 34 3.25 23.44 17.66
CA LEU A 34 3.10 23.48 16.20
C LEU A 34 1.97 24.40 15.76
N GLU A 35 0.92 24.45 16.57
CA GLU A 35 -0.20 25.36 16.34
C GLU A 35 0.21 26.80 16.51
N SER A 36 1.10 27.08 17.45
CA SER A 36 1.57 28.46 17.66
C SER A 36 2.35 29.01 16.46
N GLU A 37 2.95 28.12 15.67
CA GLU A 37 3.70 28.48 14.48
C GLU A 37 2.98 28.10 13.19
N PHE A 38 1.68 27.82 13.27
CA PHE A 38 0.85 27.48 12.11
C PHE A 38 1.36 26.31 11.29
N SER A 39 1.96 25.31 11.95
CA SER A 39 2.52 24.19 11.20
C SER A 39 2.08 22.82 11.70
N SER A 40 0.83 22.71 12.13
CA SER A 40 0.35 21.53 12.82
C SER A 40 -0.36 20.49 11.94
N GLU A 41 -0.57 20.79 10.66
CA GLU A 41 -1.35 19.91 9.80
C GLU A 41 -0.75 18.48 9.71
N ASN A 42 0.57 18.38 9.64
CA ASN A 42 1.25 17.09 9.53
C ASN A 42 0.99 16.19 10.75
N LEU A 43 1.13 16.72 11.96
CA LEU A 43 0.82 15.95 13.20
C LEU A 43 -0.68 15.69 13.32
N ARG A 44 -1.52 16.67 12.95
CA ARG A 44 -2.98 16.48 13.04
C ARG A 44 -3.44 15.35 12.11
N PHE A 45 -2.85 15.27 10.92
CA PHE A 45 -3.11 14.16 9.97
C PHE A 45 -2.67 12.85 10.58
N TRP A 46 -1.43 12.84 11.09
CA TRP A 46 -0.87 11.65 11.73
C TRP A 46 -1.76 11.12 12.86
N LEU A 47 -2.24 12.04 13.70
CA LEU A 47 -3.13 11.69 14.80
C LEU A 47 -4.50 11.20 14.31
N ALA A 48 -5.03 11.81 13.25
CA ALA A 48 -6.30 11.37 12.67
C ALA A 48 -6.20 9.90 12.14
N VAL A 49 -5.06 9.54 11.56
CA VAL A 49 -4.86 8.18 11.04
C VAL A 49 -4.67 7.18 12.18
N GLU A 50 -4.01 7.60 13.25
CA GLU A 50 -3.91 6.78 14.42
C GLU A 50 -5.31 6.47 14.99
N ASP A 51 -6.15 7.49 15.04
CA ASP A 51 -7.56 7.35 15.44
C ASP A 51 -8.36 6.40 14.55
N LEU A 52 -8.20 6.53 13.23
CA LEU A 52 -8.82 5.63 12.26
C LEU A 52 -8.55 4.15 12.56
N LYS A 53 -7.30 3.83 12.91
CA LYS A 53 -6.90 2.45 13.19
C LYS A 53 -7.59 1.86 14.43
N LYS A 54 -8.16 2.72 15.27
CA LYS A 54 -8.94 2.30 16.45
C LYS A 54 -10.45 2.20 16.20
N ARG A 55 -10.95 2.76 15.09
CA ARG A 55 -12.42 2.87 14.90
C ARG A 55 -13.12 1.54 14.59
N PRO A 56 -14.42 1.43 14.90
CA PRO A 56 -15.08 0.21 14.47
C PRO A 56 -15.08 0.11 12.92
N ILE A 57 -15.00 -1.10 12.39
CA ILE A 57 -14.86 -1.26 10.93
C ILE A 57 -16.02 -0.65 10.12
N LYS A 58 -17.27 -0.80 10.56
CA LYS A 58 -18.42 -0.18 9.86
C LYS A 58 -18.30 1.34 9.72
N GLU A 59 -17.58 1.94 10.66
CA GLU A 59 -17.33 3.38 10.67
C GLU A 59 -16.15 3.78 9.77
N VAL A 60 -15.33 2.81 9.36
CA VAL A 60 -14.11 3.11 8.59
C VAL A 60 -14.34 3.83 7.23
N PRO A 61 -15.30 3.39 6.42
CA PRO A 61 -15.54 4.11 5.17
C PRO A 61 -15.86 5.60 5.35
N SER A 62 -16.81 5.92 6.23
CA SER A 62 -17.14 7.32 6.47
C SER A 62 -15.95 8.06 7.10
N ARG A 63 -15.23 7.42 8.02
CA ARG A 63 -14.05 8.06 8.63
C ARG A 63 -12.93 8.30 7.63
N VAL A 64 -12.66 7.32 6.77
CA VAL A 64 -11.71 7.48 5.67
C VAL A 64 -12.07 8.72 4.85
N GLN A 65 -13.34 8.84 4.49
CA GLN A 65 -13.81 9.98 3.71
C GLN A 65 -13.65 11.29 4.48
N GLU A 66 -13.89 11.27 5.79
CA GLU A 66 -13.72 12.48 6.61
C GLU A 66 -12.25 12.92 6.68
N ILE A 67 -11.32 11.97 6.79
CA ILE A 67 -9.90 12.31 6.78
C ILE A 67 -9.46 12.87 5.42
N TRP A 68 -9.97 12.28 4.34
CA TRP A 68 -9.68 12.76 2.98
C TRP A 68 -10.14 14.21 2.81
N GLN A 69 -11.40 14.47 3.17
CA GLN A 69 -11.96 15.82 3.17
C GLN A 69 -11.17 16.88 3.96
N GLU A 70 -10.70 16.54 5.16
CA GLU A 70 -9.97 17.50 6.04
C GLU A 70 -8.49 17.78 5.64
N PHE A 71 -7.79 16.79 5.07
CA PHE A 71 -6.34 16.92 4.82
C PHE A 71 -5.90 16.81 3.38
N LEU A 72 -6.77 16.26 2.51
CA LEU A 72 -6.29 15.80 1.21
C LEU A 72 -7.13 16.15 0.01
N ALA A 73 -8.46 16.25 0.20
CA ALA A 73 -9.37 16.62 -0.88
C ALA A 73 -9.02 17.99 -1.42
N PRO A 74 -9.53 18.31 -2.63
CA PRO A 74 -9.41 19.68 -3.08
C PRO A 74 -9.91 20.60 -1.96
N GLY A 75 -9.20 21.74 -1.79
CA GLY A 75 -9.65 22.80 -0.90
C GLY A 75 -9.74 22.37 0.57
N ALA A 76 -9.02 21.32 0.94
CA ALA A 76 -9.05 20.82 2.31
C ALA A 76 -8.54 21.90 3.28
N PRO A 77 -9.29 22.13 4.37
CA PRO A 77 -8.91 23.20 5.28
C PRO A 77 -7.56 22.96 5.98
N SER A 78 -7.20 21.69 6.19
CA SER A 78 -5.93 21.34 6.84
C SER A 78 -5.03 20.61 5.85
N ALA A 79 -4.90 21.18 4.66
CA ALA A 79 -4.19 20.54 3.57
C ALA A 79 -2.75 20.20 3.94
N ILE A 80 -2.34 18.97 3.63
CA ILE A 80 -0.96 18.50 3.80
C ILE A 80 -0.30 18.25 2.44
N ASN A 81 1.01 18.15 2.44
CA ASN A 81 1.78 17.84 1.25
C ASN A 81 2.25 16.40 1.32
N LEU A 82 2.02 15.63 0.26
CA LEU A 82 2.60 14.29 0.14
C LEU A 82 3.47 14.20 -1.10
N ASP A 83 4.45 13.29 -1.10
CA ASP A 83 5.12 12.88 -2.32
C ASP A 83 4.13 12.18 -3.26
N SER A 84 4.39 12.30 -4.56
CA SER A 84 3.51 11.77 -5.62
C SER A 84 3.07 10.32 -5.40
N LYS A 85 4.05 9.45 -5.16
CA LYS A 85 3.80 8.03 -4.92
C LYS A 85 2.77 7.79 -3.81
N SER A 86 2.97 8.41 -2.65
CA SER A 86 2.02 8.36 -1.52
C SER A 86 0.64 8.91 -1.87
N TYR A 87 0.64 10.06 -2.52
CA TYR A 87 -0.61 10.69 -2.92
C TYR A 87 -1.41 9.83 -3.92
N ASP A 88 -0.72 9.24 -4.89
CA ASP A 88 -1.37 8.35 -5.87
C ASP A 88 -2.02 7.14 -5.21
N LYS A 89 -1.28 6.47 -4.35
CA LYS A 89 -1.80 5.33 -3.62
C LYS A 89 -2.97 5.71 -2.73
N THR A 90 -2.89 6.89 -2.10
CA THR A 90 -3.92 7.31 -1.17
C THR A 90 -5.23 7.60 -1.90
N THR A 91 -5.15 8.33 -3.01
CA THR A 91 -6.31 8.69 -3.82
C THR A 91 -7.05 7.45 -4.32
N HIS A 92 -6.28 6.47 -4.82
CA HIS A 92 -6.83 5.20 -5.30
C HIS A 92 -7.58 4.47 -4.21
N ASN A 93 -7.01 4.45 -3.00
CA ASN A 93 -7.64 3.82 -1.85
C ASN A 93 -8.90 4.51 -1.41
N VAL A 94 -8.89 5.85 -1.46
CA VAL A 94 -10.04 6.66 -1.09
C VAL A 94 -11.18 6.55 -2.13
N LYS A 95 -10.84 6.62 -3.41
CA LYS A 95 -11.86 6.64 -4.46
C LYS A 95 -12.30 5.25 -4.91
N GLU A 96 -11.46 4.24 -4.66
CA GLU A 96 -11.73 2.87 -5.10
C GLU A 96 -11.46 1.92 -3.93
N PRO A 97 -12.23 2.03 -2.83
CA PRO A 97 -11.90 1.22 -1.67
C PRO A 97 -11.88 -0.25 -2.03
N GLY A 98 -10.82 -0.94 -1.60
CA GLY A 98 -10.68 -2.37 -1.84
C GLY A 98 -9.97 -2.73 -3.16
N ARG A 99 -10.06 -1.88 -4.17
CA ARG A 99 -9.65 -2.27 -5.53
C ARG A 99 -8.14 -2.55 -5.62
N TYR A 100 -7.36 -1.82 -4.81
CA TYR A 100 -5.91 -1.95 -4.80
C TYR A 100 -5.39 -2.71 -3.57
N THR A 101 -6.25 -3.55 -2.99
CA THR A 101 -5.84 -4.45 -1.91
C THR A 101 -4.54 -5.22 -2.18
N PHE A 102 -4.36 -5.67 -3.44
CA PHE A 102 -3.24 -6.53 -3.85
C PHE A 102 -2.12 -5.80 -4.61
N GLU A 103 -2.10 -4.46 -4.56
CA GLU A 103 -1.13 -3.67 -5.33
C GLU A 103 0.33 -4.07 -5.15
N ASP A 104 0.79 -4.06 -3.90
CA ASP A 104 2.19 -4.42 -3.60
C ASP A 104 2.51 -5.90 -3.87
N ALA A 105 1.56 -6.80 -3.65
CA ALA A 105 1.76 -8.23 -3.92
C ALA A 105 1.84 -8.45 -5.42
N GLN A 106 0.94 -7.81 -6.17
CA GLN A 106 0.92 -7.92 -7.62
C GLN A 106 2.23 -7.40 -8.22
N GLU A 107 2.77 -6.32 -7.67
CA GLU A 107 4.07 -5.81 -8.16
C GLU A 107 5.21 -6.80 -7.88
N HIS A 108 5.23 -7.37 -6.67
CA HIS A 108 6.19 -8.43 -6.33
C HIS A 108 6.14 -9.59 -7.33
N ILE A 109 4.94 -10.06 -7.61
CA ILE A 109 4.72 -11.22 -8.50
C ILE A 109 5.04 -10.89 -9.97
N TYR A 110 4.62 -9.72 -10.44
CA TYR A 110 5.01 -9.25 -11.76
C TYR A 110 6.55 -9.32 -11.97
N LYS A 111 7.31 -8.82 -11.00
CA LYS A 111 8.78 -8.79 -11.10
C LYS A 111 9.43 -10.19 -10.99
N LEU A 112 8.83 -11.04 -10.17
CA LEU A 112 9.21 -12.43 -10.06
C LEU A 112 9.02 -13.23 -11.37
N MET A 113 7.90 -13.04 -12.06
CA MET A 113 7.64 -13.71 -13.35
C MET A 113 8.64 -13.29 -14.42
N LYS A 114 9.06 -12.03 -14.41
CA LYS A 114 10.17 -11.57 -15.25
C LYS A 114 11.48 -12.36 -15.04
N SER A 115 11.73 -12.87 -13.83
CA SER A 115 12.97 -13.60 -13.57
C SER A 115 12.79 -15.12 -13.53
N ASP A 116 11.54 -15.58 -13.55
CA ASP A 116 11.23 -17.00 -13.32
C ASP A 116 10.30 -17.57 -14.40
N SER A 117 9.00 -17.37 -14.22
CA SER A 117 8.00 -17.96 -15.13
C SER A 117 8.29 -17.59 -16.60
N TYR A 118 8.60 -16.33 -16.87
CA TYR A 118 8.71 -15.86 -18.26
C TYR A 118 9.89 -16.50 -19.01
N PRO A 119 11.11 -16.39 -18.47
CA PRO A 119 12.25 -17.08 -19.05
C PRO A 119 12.04 -18.60 -19.22
N ARG A 120 11.41 -19.24 -18.25
CA ARG A 120 11.12 -20.66 -18.37
C ARG A 120 10.23 -20.97 -19.60
N PHE A 121 9.24 -20.10 -19.86
CA PHE A 121 8.38 -20.23 -21.03
C PHE A 121 9.18 -20.08 -22.33
N ILE A 122 10.01 -19.04 -22.42
CA ILE A 122 10.77 -18.77 -23.65
C ILE A 122 11.80 -19.91 -23.93
N ARG A 123 12.42 -20.46 -22.90
CA ARG A 123 13.37 -21.59 -23.12
C ARG A 123 12.71 -22.97 -23.30
N SER A 124 11.39 -23.06 -23.11
CA SER A 124 10.68 -24.33 -23.23
C SER A 124 10.67 -24.89 -24.66
N SER A 125 10.51 -26.21 -24.78
CA SER A 125 10.21 -26.87 -26.05
C SER A 125 8.93 -26.34 -26.68
N ALA A 126 7.93 -26.06 -25.85
CA ALA A 126 6.65 -25.47 -26.33
C ALA A 126 6.90 -24.21 -27.18
N TYR A 127 7.64 -23.24 -26.65
CA TYR A 127 7.93 -22.02 -27.42
C TYR A 127 8.91 -22.26 -28.57
N GLN A 128 10.01 -22.94 -28.28
CA GLN A 128 11.05 -23.16 -29.26
C GLN A 128 10.52 -23.98 -30.42
N GLU A 129 9.62 -24.92 -30.16
CA GLU A 129 8.99 -25.69 -31.24
C GLU A 129 8.15 -24.82 -32.17
N LEU A 130 7.37 -23.91 -31.60
CA LEU A 130 6.65 -22.91 -32.40
C LEU A 130 7.58 -22.19 -33.35
N LEU A 131 8.63 -21.59 -32.80
CA LEU A 131 9.60 -20.85 -33.62
C LEU A 131 10.08 -21.70 -34.80
N GLN A 132 10.70 -22.85 -34.52
CA GLN A 132 11.14 -23.79 -35.56
C GLN A 132 10.05 -24.15 -36.57
N ALA A 133 8.88 -24.52 -36.05
CA ALA A 133 7.77 -25.04 -36.83
C ALA A 133 6.47 -24.86 -36.09
N SER B 1 -12.84 -18.05 -38.75
CA SER B 1 -11.86 -18.55 -37.76
C SER B 1 -10.59 -17.71 -37.77
N MET B 2 -9.90 -17.69 -36.64
CA MET B 2 -8.64 -16.94 -36.48
C MET B 2 -7.59 -17.44 -37.47
N LYS B 3 -6.71 -16.54 -37.91
CA LYS B 3 -5.59 -16.93 -38.77
C LYS B 3 -4.34 -17.30 -37.94
N GLU B 4 -3.54 -18.21 -38.49
CA GLU B 4 -2.31 -18.64 -37.84
C GLU B 4 -1.43 -17.42 -37.55
N PRO B 5 -0.91 -17.33 -36.31
CA PRO B 5 0.03 -16.24 -36.03
C PRO B 5 1.25 -16.31 -36.93
N SER B 6 1.69 -15.16 -37.41
CA SER B 6 2.89 -15.08 -38.23
C SER B 6 4.14 -15.39 -37.41
N GLN B 7 5.24 -15.62 -38.12
CA GLN B 7 6.54 -15.84 -37.48
C GLN B 7 6.94 -14.65 -36.61
N GLN B 8 6.75 -13.44 -37.13
CA GLN B 8 7.15 -12.24 -36.41
C GLN B 8 6.38 -12.02 -35.15
N ARG B 9 5.06 -12.23 -35.21
CA ARG B 9 4.20 -12.15 -34.05
C ARG B 9 4.64 -13.11 -32.91
N VAL B 10 5.04 -14.33 -33.27
CA VAL B 10 5.49 -15.32 -32.32
C VAL B 10 6.85 -14.95 -31.75
N LYS B 11 7.76 -14.52 -32.64
CA LYS B 11 9.08 -14.02 -32.20
C LYS B 11 8.98 -12.88 -31.21
N ARG B 12 8.01 -11.98 -31.45
CA ARG B 12 7.81 -10.79 -30.63
C ARG B 12 7.44 -11.13 -29.17
N TRP B 13 6.81 -12.28 -28.94
CA TRP B 13 6.55 -12.75 -27.58
C TRP B 13 7.81 -12.97 -26.76
N GLY B 14 8.93 -13.23 -27.43
CA GLY B 14 10.22 -13.38 -26.76
C GLY B 14 10.96 -12.08 -26.51
N PHE B 15 10.40 -10.95 -26.93
CA PHE B 15 11.04 -9.65 -26.72
C PHE B 15 10.81 -9.07 -25.32
N GLY B 16 9.87 -9.62 -24.57
CA GLY B 16 9.70 -9.22 -23.18
C GLY B 16 8.38 -9.74 -22.68
N MET B 17 8.23 -9.81 -21.38
CA MET B 17 7.01 -10.38 -20.83
C MET B 17 5.75 -9.57 -21.19
N ASP B 18 5.88 -8.24 -21.26
CA ASP B 18 4.75 -7.39 -21.61
C ASP B 18 4.23 -7.69 -23.03
N GLU B 19 5.15 -7.99 -23.93
CA GLU B 19 4.81 -8.37 -25.31
C GLU B 19 4.00 -9.62 -25.32
N ALA B 20 4.43 -10.60 -24.55
CA ALA B 20 3.71 -11.88 -24.52
C ALA B 20 2.32 -11.69 -23.89
N LEU B 21 2.24 -10.86 -22.86
CA LEU B 21 0.96 -10.70 -22.12
C LEU B 21 -0.08 -9.88 -22.89
N LYS B 22 0.38 -8.91 -23.67
CA LYS B 22 -0.56 -8.05 -24.41
C LYS B 22 -1.13 -8.75 -25.64
N ASP B 23 -0.42 -9.74 -26.20
CA ASP B 23 -0.95 -10.54 -27.31
C ASP B 23 -1.85 -11.63 -26.72
N PRO B 24 -3.15 -11.70 -27.13
CA PRO B 24 -4.04 -12.69 -26.49
C PRO B 24 -3.62 -14.15 -26.70
N VAL B 25 -3.08 -14.46 -27.89
CA VAL B 25 -2.56 -15.80 -28.18
C VAL B 25 -1.24 -16.06 -27.39
N GLY B 26 -0.37 -15.06 -27.34
CA GLY B 26 0.84 -15.14 -26.54
C GLY B 26 0.53 -15.43 -25.10
N ARG B 27 -0.48 -14.71 -24.58
CA ARG B 27 -0.86 -14.86 -23.18
C ARG B 27 -1.40 -16.28 -22.95
N GLU B 28 -2.17 -16.79 -23.92
CA GLU B 28 -2.78 -18.12 -23.83
C GLU B 28 -1.68 -19.19 -23.81
N GLN B 29 -0.68 -18.98 -24.65
CA GLN B 29 0.41 -19.94 -24.77
C GLN B 29 1.30 -19.94 -23.52
N PHE B 30 1.54 -18.77 -22.96
CA PHE B 30 2.35 -18.60 -21.74
C PHE B 30 1.69 -19.35 -20.58
N LEU B 31 0.39 -19.13 -20.42
CA LEU B 31 -0.37 -19.81 -19.37
C LEU B 31 -0.46 -21.32 -19.58
N LYS B 32 -0.74 -21.74 -20.80
CA LYS B 32 -0.85 -23.15 -21.11
C LYS B 32 0.44 -23.86 -20.73
N PHE B 33 1.58 -23.26 -21.09
CA PHE B 33 2.87 -23.83 -20.71
C PHE B 33 3.01 -24.01 -19.19
N LEU B 34 2.71 -22.95 -18.45
CA LEU B 34 2.88 -22.97 -16.99
C LEU B 34 1.97 -24.02 -16.33
N GLU B 35 0.75 -24.18 -16.85
CA GLU B 35 -0.18 -25.21 -16.36
C GLU B 35 0.38 -26.61 -16.58
N SER B 36 0.93 -26.83 -17.77
CA SER B 36 1.58 -28.11 -18.11
C SER B 36 2.70 -28.51 -17.15
N GLU B 37 3.29 -27.55 -16.43
CA GLU B 37 4.34 -27.85 -15.45
C GLU B 37 3.96 -27.46 -14.00
N PHE B 38 2.65 -27.36 -13.74
CA PHE B 38 2.13 -27.10 -12.39
C PHE B 38 2.74 -25.86 -11.74
N SER B 39 2.95 -24.83 -12.54
CA SER B 39 3.63 -23.65 -12.06
C SER B 39 2.91 -22.36 -12.43
N SER B 40 1.58 -22.40 -12.54
CA SER B 40 0.84 -21.26 -13.08
C SER B 40 0.24 -20.33 -12.02
N GLU B 41 0.48 -20.63 -10.74
CA GLU B 41 -0.20 -19.88 -9.65
C GLU B 41 0.12 -18.38 -9.69
N ASN B 42 1.40 -18.04 -9.93
CA ASN B 42 1.83 -16.65 -10.01
C ASN B 42 1.14 -15.87 -11.15
N LEU B 43 1.15 -16.42 -12.37
CA LEU B 43 0.42 -15.77 -13.46
C LEU B 43 -1.10 -15.72 -13.22
N ARG B 44 -1.67 -16.81 -12.74
CA ARG B 44 -3.10 -16.81 -12.44
C ARG B 44 -3.45 -15.76 -11.35
N PHE B 45 -2.60 -15.58 -10.35
CA PHE B 45 -2.83 -14.53 -9.34
C PHE B 45 -2.74 -13.16 -10.00
N TRP B 46 -1.74 -12.96 -10.85
CA TRP B 46 -1.58 -11.68 -11.54
C TRP B 46 -2.81 -11.38 -12.41
N LEU B 47 -3.31 -12.37 -13.13
CA LEU B 47 -4.49 -12.22 -13.94
C LEU B 47 -5.72 -11.98 -13.11
N ALA B 48 -5.83 -12.61 -11.94
CA ALA B 48 -7.02 -12.41 -11.08
C ALA B 48 -7.08 -10.96 -10.54
N VAL B 49 -5.91 -10.37 -10.23
CA VAL B 49 -5.83 -8.98 -9.75
C VAL B 49 -6.12 -7.97 -10.87
N GLU B 50 -5.62 -8.25 -12.06
CA GLU B 50 -6.01 -7.49 -13.25
C GLU B 50 -7.54 -7.45 -13.46
N ASP B 51 -8.16 -8.62 -13.40
CA ASP B 51 -9.62 -8.71 -13.42
C ASP B 51 -10.27 -7.90 -12.27
N LEU B 52 -9.72 -7.97 -11.08
CA LEU B 52 -10.27 -7.20 -9.95
C LEU B 52 -10.40 -5.69 -10.28
N LYS B 53 -9.40 -5.15 -10.95
CA LYS B 53 -9.38 -3.73 -11.27
C LYS B 53 -10.52 -3.28 -12.20
N LYS B 54 -11.09 -4.22 -12.96
CA LYS B 54 -12.18 -3.89 -13.89
C LYS B 54 -13.59 -4.12 -13.31
N ARG B 55 -13.67 -4.79 -12.17
CA ARG B 55 -14.98 -5.14 -11.60
C ARG B 55 -15.81 -3.97 -11.04
N PRO B 56 -17.16 -4.06 -11.08
CA PRO B 56 -17.94 -2.98 -10.46
C PRO B 56 -17.64 -2.87 -8.97
N ILE B 57 -17.61 -1.64 -8.46
CA ILE B 57 -17.12 -1.38 -7.09
C ILE B 57 -17.88 -2.17 -6.01
N LYS B 58 -19.19 -2.32 -6.17
CA LYS B 58 -19.98 -3.09 -5.20
C LYS B 58 -19.57 -4.57 -5.14
N GLU B 59 -19.00 -5.07 -6.23
CA GLU B 59 -18.45 -6.43 -6.29
C GLU B 59 -17.09 -6.60 -5.63
N VAL B 60 -16.38 -5.49 -5.39
CA VAL B 60 -14.99 -5.57 -4.94
C VAL B 60 -14.79 -6.37 -3.63
N PRO B 61 -15.57 -6.05 -2.57
CA PRO B 61 -15.39 -6.79 -1.31
C PRO B 61 -15.47 -8.33 -1.42
N SER B 62 -16.46 -8.84 -2.15
CA SER B 62 -16.57 -10.30 -2.31
C SER B 62 -15.44 -10.83 -3.23
N ARG B 63 -15.12 -10.10 -4.30
CA ARG B 63 -14.05 -10.55 -5.18
CA ARG B 63 -14.04 -10.50 -5.22
C ARG B 63 -12.68 -10.51 -4.51
N VAL B 64 -12.46 -9.50 -3.66
CA VAL B 64 -11.20 -9.45 -2.89
C VAL B 64 -11.04 -10.69 -2.02
N GLN B 65 -12.13 -11.07 -1.35
CA GLN B 65 -12.14 -12.29 -0.53
C GLN B 65 -11.94 -13.58 -1.34
N GLU B 66 -12.53 -13.66 -2.53
CA GLU B 66 -12.30 -14.80 -3.44
C GLU B 66 -10.80 -14.96 -3.80
N ILE B 67 -10.14 -13.86 -4.14
CA ILE B 67 -8.73 -13.91 -4.52
C ILE B 67 -7.88 -14.34 -3.34
N TRP B 68 -8.21 -13.82 -2.16
CA TRP B 68 -7.52 -14.21 -0.95
C TRP B 68 -7.72 -15.72 -0.68
N GLN B 69 -8.97 -16.19 -0.76
CA GLN B 69 -9.27 -17.61 -0.57
C GLN B 69 -8.53 -18.52 -1.55
N GLU B 70 -8.41 -18.10 -2.80
CA GLU B 70 -7.79 -18.94 -3.84
C GLU B 70 -6.27 -18.95 -3.79
N PHE B 71 -5.64 -17.81 -3.47
CA PHE B 71 -4.18 -17.63 -3.61
C PHE B 71 -3.37 -17.41 -2.34
N LEU B 72 -4.01 -16.95 -1.25
CA LEU B 72 -3.24 -16.45 -0.11
C LEU B 72 -3.67 -16.93 1.25
N ALA B 73 -4.93 -17.31 1.42
CA ALA B 73 -5.41 -17.76 2.70
C ALA B 73 -4.72 -19.07 3.12
N PRO B 74 -4.85 -19.45 4.40
CA PRO B 74 -4.41 -20.78 4.81
C PRO B 74 -5.06 -21.87 3.95
N GLY B 75 -4.24 -22.79 3.44
CA GLY B 75 -4.75 -23.92 2.67
C GLY B 75 -5.22 -23.57 1.27
N ALA B 76 -4.91 -22.36 0.80
CA ALA B 76 -5.33 -21.91 -0.54
C ALA B 76 -4.91 -22.90 -1.65
N PRO B 77 -5.88 -23.31 -2.51
CA PRO B 77 -5.60 -24.30 -3.54
C PRO B 77 -4.60 -23.86 -4.61
N SER B 78 -4.44 -22.56 -4.81
CA SER B 78 -3.41 -22.01 -5.68
C SER B 78 -2.41 -21.13 -4.92
N ALA B 79 -1.92 -21.61 -3.78
CA ALA B 79 -1.10 -20.77 -2.87
C ALA B 79 0.14 -20.21 -3.59
N ILE B 80 0.42 -18.92 -3.35
CA ILE B 80 1.61 -18.23 -3.87
C ILE B 80 2.49 -17.77 -2.71
N ASN B 81 3.75 -17.50 -3.01
CA ASN B 81 4.69 -17.02 -2.00
C ASN B 81 4.90 -15.52 -2.17
N LEU B 82 4.80 -14.78 -1.08
CA LEU B 82 5.15 -13.37 -1.14
C LEU B 82 6.30 -13.08 -0.18
N ASP B 83 6.98 -11.97 -0.43
CA ASP B 83 7.84 -11.38 0.58
C ASP B 83 6.97 -10.97 1.79
N SER B 84 7.60 -10.90 2.97
CA SER B 84 6.86 -10.63 4.19
C SER B 84 6.20 -9.26 4.18
N LYS B 85 6.91 -8.25 3.70
CA LYS B 85 6.36 -6.89 3.65
C LYS B 85 5.04 -6.84 2.87
N SER B 86 5.05 -7.41 1.66
CA SER B 86 3.88 -7.39 0.81
C SER B 86 2.76 -8.32 1.35
N TYR B 87 3.13 -9.48 1.94
CA TYR B 87 2.16 -10.37 2.64
C TYR B 87 1.46 -9.57 3.76
N ASP B 88 2.24 -8.90 4.60
CA ASP B 88 1.69 -8.15 5.73
C ASP B 88 0.68 -7.10 5.29
N LYS B 89 1.04 -6.30 4.29
CA LYS B 89 0.14 -5.29 3.79
C LYS B 89 -1.16 -5.90 3.30
N THR B 90 -1.02 -6.97 2.51
CA THR B 90 -2.15 -7.65 1.92
C THR B 90 -3.12 -8.16 2.98
N THR B 91 -2.60 -8.86 3.97
CA THR B 91 -3.47 -9.44 5.03
C THR B 91 -4.26 -8.34 5.75
N HIS B 92 -3.56 -7.25 6.10
CA HIS B 92 -4.19 -6.09 6.74
C HIS B 92 -5.29 -5.51 5.85
N ASN B 93 -5.01 -5.40 4.55
CA ASN B 93 -6.03 -4.93 3.62
C ASN B 93 -7.26 -5.82 3.53
N VAL B 94 -7.04 -7.14 3.49
CA VAL B 94 -8.13 -8.14 3.36
C VAL B 94 -8.99 -8.21 4.62
N LYS B 95 -8.32 -8.22 5.77
CA LYS B 95 -8.95 -8.40 7.08
C LYS B 95 -9.48 -7.11 7.69
N GLU B 96 -8.96 -5.98 7.21
CA GLU B 96 -9.31 -4.67 7.74
C GLU B 96 -9.51 -3.71 6.57
N PRO B 97 -10.50 -4.01 5.71
CA PRO B 97 -10.65 -3.20 4.50
C PRO B 97 -10.87 -1.73 4.80
N GLY B 98 -10.09 -0.89 4.12
CA GLY B 98 -10.16 0.55 4.32
C GLY B 98 -9.31 1.08 5.46
N ARG B 99 -9.01 0.27 6.48
CA ARG B 99 -8.33 0.78 7.69
C ARG B 99 -6.91 1.31 7.43
N TYR B 100 -6.25 0.76 6.41
CA TYR B 100 -4.87 1.09 6.09
C TYR B 100 -4.75 1.90 4.83
N THR B 101 -5.83 2.62 4.52
CA THR B 101 -5.94 3.52 3.37
C THR B 101 -4.81 4.55 3.28
N PHE B 102 -4.38 5.10 4.43
CA PHE B 102 -3.38 6.16 4.48
C PHE B 102 -2.00 5.67 4.95
N GLU B 103 -1.72 4.36 4.83
CA GLU B 103 -0.52 3.76 5.41
C GLU B 103 0.79 4.35 4.86
N ASP B 104 0.91 4.44 3.54
CA ASP B 104 2.12 5.00 2.92
C ASP B 104 2.23 6.52 3.19
N ALA B 105 1.10 7.22 3.14
CA ALA B 105 1.05 8.65 3.47
C ALA B 105 1.48 8.90 4.92
N GLN B 106 0.96 8.11 5.85
CA GLN B 106 1.30 8.24 7.28
C GLN B 106 2.80 8.00 7.56
N GLU B 107 3.37 7.00 6.89
CA GLU B 107 4.80 6.73 7.03
CA GLU B 107 4.80 6.72 6.98
C GLU B 107 5.63 7.88 6.45
N HIS B 108 5.19 8.43 5.31
CA HIS B 108 5.84 9.62 4.78
C HIS B 108 5.80 10.78 5.77
N ILE B 109 4.64 11.07 6.35
CA ILE B 109 4.48 12.20 7.28
C ILE B 109 5.23 11.99 8.62
N TYR B 110 5.24 10.75 9.11
CA TYR B 110 6.02 10.42 10.29
C TYR B 110 7.51 10.72 10.07
N LYS B 111 8.03 10.32 8.93
CA LYS B 111 9.43 10.58 8.58
C LYS B 111 9.75 12.08 8.49
N LEU B 112 8.86 12.85 7.88
CA LEU B 112 9.04 14.29 7.81
C LEU B 112 9.07 14.94 9.19
N MET B 113 8.10 14.62 10.03
CA MET B 113 8.04 15.17 11.38
C MET B 113 9.31 14.91 12.20
N LYS B 114 9.93 13.74 12.02
CA LYS B 114 11.20 13.44 12.67
C LYS B 114 12.30 14.37 12.24
N SER B 115 12.21 14.91 11.01
CA SER B 115 13.22 15.80 10.44
C SER B 115 12.91 17.29 10.53
N ASP B 116 11.68 17.68 10.88
CA ASP B 116 11.26 19.08 10.85
C ASP B 116 10.45 19.46 12.12
N SER B 117 9.20 19.04 12.21
CA SER B 117 8.34 19.41 13.36
C SER B 117 8.95 19.12 14.73
N TYR B 118 9.43 17.89 14.92
CA TYR B 118 9.92 17.49 16.24
C TYR B 118 11.22 18.19 16.64
N PRO B 119 12.25 18.22 15.76
CA PRO B 119 13.48 18.97 16.09
C PRO B 119 13.23 20.45 16.42
N ARG B 120 12.28 21.09 15.73
CA ARG B 120 11.86 22.46 16.08
C ARG B 120 11.25 22.57 17.49
N PHE B 121 10.46 21.56 17.86
CA PHE B 121 9.83 21.52 19.18
C PHE B 121 10.89 21.44 20.27
N ILE B 122 11.85 20.52 20.11
CA ILE B 122 12.92 20.32 21.09
C ILE B 122 13.77 21.60 21.24
N ARG B 123 13.92 22.35 20.14
CA ARG B 123 14.63 23.64 20.15
C ARG B 123 13.79 24.83 20.66
N SER B 124 12.48 24.65 20.81
CA SER B 124 11.60 25.78 21.10
C SER B 124 11.75 26.37 22.52
N SER B 125 11.42 27.64 22.65
CA SER B 125 11.37 28.28 23.97
C SER B 125 10.32 27.61 24.86
N ALA B 126 9.20 27.17 24.28
CA ALA B 126 8.18 26.44 25.04
C ALA B 126 8.76 25.21 25.75
N TYR B 127 9.55 24.40 25.02
CA TYR B 127 10.15 23.20 25.62
C TYR B 127 11.22 23.54 26.64
N GLN B 128 12.07 24.52 26.35
CA GLN B 128 13.08 24.95 27.31
C GLN B 128 12.48 25.45 28.61
N GLU B 129 11.33 26.12 28.54
CA GLU B 129 10.66 26.62 29.73
C GLU B 129 10.07 25.47 30.57
N LEU B 130 9.57 24.43 29.92
CA LEU B 130 9.16 23.20 30.63
C LEU B 130 10.35 22.47 31.28
N LEU B 131 11.53 22.55 30.66
CA LEU B 131 12.74 21.95 31.24
C LEU B 131 13.14 22.63 32.55
N GLN B 132 13.36 23.94 32.49
CA GLN B 132 13.72 24.78 33.67
C GLN B 132 13.10 24.30 35.00
N ALA B 133 11.77 24.38 35.10
CA ALA B 133 11.07 24.02 36.34
CL CL C . 12.80 -26.10 -16.75
#